data_3N9T
#
_entry.id   3N9T
#
_cell.length_a   107.362
_cell.length_b   38.933
_cell.length_c   82.476
_cell.angle_alpha   90.00
_cell.angle_beta   118.35
_cell.angle_gamma   90.00
#
_symmetry.space_group_name_H-M   'C 1 2 1'
#
loop_
_entity.id
_entity.type
_entity.pdbx_description
1 polymer PnpC
2 non-polymer '1-HEPTADECANOYL-2-TRIDECANOYL-3-GLYCEROL-PHOSPHONYL CHOLINE'
3 non-polymer 'CITRATE ANION'
4 non-polymer 'FE (III) ION'
5 water water
#
_entity_poly.entity_id   1
_entity_poly.type   'polypeptide(L)'
_entity_poly.pdbx_seq_one_letter_code
;MTDHYKAVEALISDQAVDSFETSPNPRFKQIMQSLVRHLHDFVSEVELTEQEWFEGIRFLTATGQKCDGKVRQEFILLSD
TLGVSMLVDAINHRQSTNATETTVFGPFFIEGMPDRGYGENMALTDGVPALVYGRVLDVQGRPVVGAVLDVWQTADNGMY
SGQDPDQPFGNLRGRYRSDNDGCFAIQTTVPVCYPIPTDGPVGEMLDAANRHAWRPAHLHFMIQAPGYRKLVTHLFNSDD
PYLDSDAVFGVKGSLQVKYEDRPAHDEDAGGLDMPYPYKSAYYEFVMEAE
;
_entity_poly.pdbx_strand_id   A
#
# COMPACT_ATOMS: atom_id res chain seq x y z
N TYR A 5 32.60 -24.68 15.64
CA TYR A 5 32.94 -23.80 16.77
C TYR A 5 34.38 -23.44 16.80
N LYS A 6 34.71 -22.26 16.31
CA LYS A 6 33.88 -21.44 15.44
C LYS A 6 34.12 -22.00 13.99
N ALA A 7 35.14 -22.85 13.84
CA ALA A 7 35.44 -23.51 12.56
C ALA A 7 34.33 -24.47 12.16
N VAL A 8 33.77 -25.18 13.16
CA VAL A 8 32.80 -26.18 12.88
C VAL A 8 31.60 -25.44 12.29
N GLU A 9 31.15 -24.39 12.98
CA GLU A 9 29.92 -23.66 12.56
C GLU A 9 30.13 -22.97 11.22
N ALA A 10 31.32 -22.40 11.02
CA ALA A 10 31.64 -21.77 9.76
C ALA A 10 31.64 -22.80 8.64
N LEU A 11 32.01 -24.04 8.95
CA LEU A 11 32.15 -25.03 7.87
C LEU A 11 30.75 -25.46 7.42
N ILE A 12 29.84 -25.51 8.36
CA ILE A 12 28.46 -25.90 8.01
C ILE A 12 27.85 -24.80 7.07
N SER A 13 28.04 -23.53 7.45
CA SER A 13 27.50 -22.44 6.60
C SER A 13 28.13 -22.36 5.22
N ASP A 14 29.46 -22.57 5.14
CA ASP A 14 30.11 -22.63 3.82
C ASP A 14 29.55 -23.72 2.95
N GLN A 15 29.40 -24.95 3.49
CA GLN A 15 28.85 -26.05 2.70
C GLN A 15 27.40 -25.69 2.23
N ALA A 16 26.61 -25.08 3.09
CA ALA A 16 25.22 -24.77 2.73
C ALA A 16 25.21 -23.75 1.59
N VAL A 17 25.98 -22.68 1.72
CA VAL A 17 26.11 -21.71 0.61
C VAL A 17 26.68 -22.34 -0.64
N ASP A 18 27.76 -23.09 -0.50
CA ASP A 18 28.43 -23.71 -1.66
C ASP A 18 27.55 -24.71 -2.36
N SER A 19 26.63 -25.33 -1.62
CA SER A 19 25.73 -26.32 -2.26
C SER A 19 25.01 -25.80 -3.53
N PHE A 20 24.85 -24.48 -3.63
CA PHE A 20 24.11 -23.86 -4.75
C PHE A 20 24.96 -23.49 -5.96
N GLU A 21 26.30 -23.67 -5.85
CA GLU A 21 27.26 -23.39 -6.95
C GLU A 21 26.92 -23.94 -8.31
N THR A 22 26.30 -25.09 -8.28
CA THR A 22 25.87 -25.86 -9.39
C THR A 22 24.55 -25.38 -10.08
N SER A 23 23.80 -24.40 -9.52
CA SER A 23 22.49 -24.01 -10.13
C SER A 23 22.75 -23.52 -11.55
N PRO A 24 22.02 -24.08 -12.52
CA PRO A 24 22.11 -23.70 -13.95
C PRO A 24 21.78 -22.18 -14.10
N ASN A 25 20.78 -21.68 -13.35
CA ASN A 25 20.37 -20.25 -13.44
C ASN A 25 21.15 -19.41 -12.43
N PRO A 26 22.04 -18.52 -12.92
CA PRO A 26 22.93 -17.79 -12.01
C PRO A 26 22.22 -16.78 -11.15
N ARG A 27 21.06 -16.29 -11.57
CA ARG A 27 20.25 -15.44 -10.71
C ARG A 27 19.71 -16.21 -9.48
N PHE A 28 19.21 -17.41 -9.71
CA PHE A 28 18.76 -18.27 -8.64
C PHE A 28 19.92 -18.62 -7.71
N LYS A 29 21.06 -18.99 -8.29
CA LYS A 29 22.29 -19.11 -7.49
C LYS A 29 22.56 -17.90 -6.62
N GLN A 30 22.67 -16.72 -7.25
CA GLN A 30 22.84 -15.45 -6.53
C GLN A 30 21.84 -15.30 -5.36
N ILE A 31 20.57 -15.48 -5.65
CA ILE A 31 19.56 -15.26 -4.61
C ILE A 31 19.74 -16.27 -3.45
N MET A 32 19.88 -17.57 -3.79
CA MET A 32 19.96 -18.59 -2.73
C MET A 32 21.26 -18.46 -1.92
N GLN A 33 22.39 -18.14 -2.54
CA GLN A 33 23.60 -17.95 -1.74
C GLN A 33 23.51 -16.79 -0.79
N SER A 34 22.93 -15.69 -1.25
CA SER A 34 22.68 -14.57 -0.38
C SER A 34 21.69 -14.89 0.74
N LEU A 35 20.62 -15.60 0.39
CA LEU A 35 19.60 -15.85 1.40
C LEU A 35 20.21 -16.79 2.50
N VAL A 36 20.93 -17.82 2.05
CA VAL A 36 21.54 -18.77 3.01
C VAL A 36 22.57 -18.09 3.94
N ARG A 37 23.44 -17.26 3.37
CA ARG A 37 24.45 -16.55 4.15
C ARG A 37 23.72 -15.66 5.19
N HIS A 38 22.67 -14.95 4.77
CA HIS A 38 21.96 -14.03 5.71
C HIS A 38 21.23 -14.82 6.79
N LEU A 39 20.64 -15.92 6.38
CA LEU A 39 19.90 -16.75 7.32
C LEU A 39 20.84 -17.32 8.40
N HIS A 40 21.99 -17.84 7.94
CA HIS A 40 22.98 -18.41 8.83
C HIS A 40 23.66 -17.31 9.69
N ASP A 41 23.90 -16.12 9.13
CA ASP A 41 24.45 -15.03 9.93
C ASP A 41 23.46 -14.58 11.03
N PHE A 42 22.19 -14.52 10.69
CA PHE A 42 21.17 -14.29 11.70
C PHE A 42 21.18 -15.31 12.85
N VAL A 43 21.11 -16.58 12.49
CA VAL A 43 21.08 -17.65 13.50
C VAL A 43 22.38 -17.57 14.40
N SER A 44 23.51 -17.34 13.78
CA SER A 44 24.79 -17.21 14.50
C SER A 44 24.83 -15.98 15.40
N GLU A 45 24.38 -14.82 14.86
CA GLU A 45 24.35 -13.55 15.60
C GLU A 45 23.60 -13.69 16.92
N VAL A 46 22.40 -14.21 16.85
CA VAL A 46 21.56 -14.28 18.03
C VAL A 46 21.78 -15.58 18.87
N GLU A 47 22.49 -16.55 18.28
CA GLU A 47 22.74 -17.88 18.91
C GLU A 47 21.43 -18.53 19.22
N LEU A 48 20.61 -18.66 18.17
CA LEU A 48 19.27 -19.22 18.29
C LEU A 48 19.27 -20.57 19.04
N THR A 49 18.37 -20.74 20.03
CA THR A 49 18.28 -21.99 20.72
C THR A 49 17.46 -22.99 19.93
N GLU A 50 17.53 -24.26 20.30
CA GLU A 50 16.72 -25.27 19.63
C GLU A 50 15.23 -24.99 19.87
N GLN A 51 14.88 -24.51 21.05
CA GLN A 51 13.44 -24.25 21.35
C GLN A 51 12.95 -23.05 20.52
N GLU A 52 13.79 -22.03 20.39
CA GLU A 52 13.44 -20.90 19.51
C GLU A 52 13.29 -21.33 18.02
N TRP A 53 14.18 -22.22 17.57
CA TRP A 53 14.11 -22.77 16.22
C TRP A 53 12.77 -23.50 16.06
N PHE A 54 12.38 -24.30 17.05
CA PHE A 54 11.10 -25.02 16.97
C PHE A 54 9.98 -23.99 16.86
N GLU A 55 10.07 -22.90 17.64
CA GLU A 55 9.04 -21.82 17.53
C GLU A 55 8.95 -21.24 16.10
N GLY A 56 10.11 -20.90 15.51
CA GLY A 56 10.17 -20.42 14.11
C GLY A 56 9.54 -21.42 13.20
N ILE A 57 9.85 -22.71 13.39
CA ILE A 57 9.24 -23.77 12.55
C ILE A 57 7.70 -23.80 12.76
N ARG A 58 7.24 -23.79 14.00
CA ARG A 58 5.76 -23.85 14.25
C ARG A 58 5.10 -22.58 13.62
N PHE A 59 5.72 -21.42 13.85
CA PHE A 59 5.20 -20.17 13.29
C PHE A 59 5.09 -20.14 11.76
N LEU A 60 6.14 -20.51 11.05
CA LEU A 60 6.14 -20.56 9.58
C LEU A 60 5.10 -21.51 9.09
N THR A 61 4.98 -22.63 9.81
CA THR A 61 4.08 -23.67 9.36
C THR A 61 2.64 -23.10 9.44
N ALA A 62 2.31 -22.56 10.61
CA ALA A 62 1.03 -21.97 10.92
C ALA A 62 0.76 -20.84 9.95
N THR A 63 1.76 -20.04 9.57
CA THR A 63 1.55 -18.96 8.60
C THR A 63 1.15 -19.52 7.22
N GLY A 64 1.88 -20.51 6.76
CA GLY A 64 1.51 -21.15 5.50
C GLY A 64 0.11 -21.78 5.57
N GLN A 65 -0.21 -22.42 6.69
CA GLN A 65 -1.50 -23.09 6.85
C GLN A 65 -2.68 -22.14 6.91
N LYS A 66 -2.43 -20.88 7.33
CA LYS A 66 -3.46 -19.80 7.38
C LYS A 66 -3.78 -19.23 6.00
N CYS A 67 -2.96 -19.56 5.02
CA CYS A 67 -3.23 -19.11 3.67
C CYS A 67 -4.31 -20.06 3.09
N ASP A 68 -5.42 -19.49 2.62
CA ASP A 68 -6.52 -20.33 2.10
C ASP A 68 -6.46 -20.20 0.57
N GLY A 69 -7.32 -20.89 -0.17
CA GLY A 69 -7.17 -20.64 -1.63
C GLY A 69 -7.50 -19.19 -2.04
N LYS A 70 -8.07 -18.41 -1.10
CA LYS A 70 -9.08 -17.45 -1.50
C LYS A 70 -8.91 -15.98 -1.14
N VAL A 71 -9.06 -15.67 0.14
CA VAL A 71 -9.23 -14.31 0.61
C VAL A 71 -8.13 -13.93 1.61
N ARG A 72 -7.27 -14.88 1.96
CA ARG A 72 -6.30 -14.66 3.03
C ARG A 72 -4.91 -15.16 2.63
N GLN A 73 -3.96 -14.22 2.61
CA GLN A 73 -2.61 -14.62 2.32
C GLN A 73 -1.76 -14.17 3.52
N GLU A 74 -1.53 -15.08 4.46
CA GLU A 74 -0.86 -14.70 5.72
C GLU A 74 0.63 -14.46 5.44
N PHE A 75 1.21 -15.17 4.46
CA PHE A 75 2.64 -14.88 4.13
C PHE A 75 2.83 -13.46 3.62
N ILE A 76 1.90 -12.98 2.76
CA ILE A 76 1.97 -11.60 2.28
C ILE A 76 1.80 -10.66 3.47
N LEU A 77 0.84 -10.95 4.34
CA LEU A 77 0.65 -10.13 5.53
C LEU A 77 1.90 -10.11 6.39
N LEU A 78 2.60 -11.25 6.51
CA LEU A 78 3.89 -11.28 7.26
C LEU A 78 4.95 -10.45 6.57
N SER A 79 5.06 -10.60 5.24
CA SER A 79 5.95 -9.73 4.40
C SER A 79 5.63 -8.26 4.63
N ASP A 80 4.32 -7.94 4.69
CA ASP A 80 3.93 -6.52 4.85
C ASP A 80 4.34 -5.99 6.21
N THR A 81 4.00 -6.74 7.28
CA THR A 81 4.25 -6.32 8.67
C THR A 81 5.73 -6.37 9.08
N LEU A 82 6.55 -7.02 8.29
CA LEU A 82 8.00 -7.01 8.55
C LEU A 82 8.68 -6.04 7.61
N GLY A 83 7.89 -5.32 6.82
CA GLY A 83 8.42 -4.22 5.96
C GLY A 83 9.07 -4.67 4.64
N VAL A 84 8.97 -5.96 4.38
CA VAL A 84 9.58 -6.50 3.18
C VAL A 84 8.80 -6.05 1.92
N SER A 85 7.49 -5.97 1.99
CA SER A 85 6.73 -5.63 0.79
C SER A 85 7.05 -4.20 0.37
N MET A 86 7.09 -3.27 1.33
CA MET A 86 7.41 -1.86 1.00
C MET A 86 8.85 -1.67 0.52
N LEU A 87 9.78 -2.44 1.13
CA LEU A 87 11.18 -2.44 0.68
C LEU A 87 11.27 -2.88 -0.78
N VAL A 88 10.58 -3.98 -1.11
CA VAL A 88 10.60 -4.52 -2.47
C VAL A 88 10.01 -3.47 -3.47
N ASP A 89 8.90 -2.85 -3.06
CA ASP A 89 8.25 -1.88 -3.95
C ASP A 89 9.24 -0.72 -4.21
N ALA A 90 9.96 -0.26 -3.17
CA ALA A 90 10.88 0.90 -3.37
C ALA A 90 12.01 0.55 -4.30
N ILE A 91 12.57 -0.66 -4.09
CA ILE A 91 13.72 -1.12 -4.89
C ILE A 91 13.41 -1.19 -6.36
N ASN A 92 12.19 -1.58 -6.66
CA ASN A 92 11.76 -1.69 -8.00
C ASN A 92 11.11 -0.42 -8.60
N HIS A 93 11.10 0.68 -7.85
CA HIS A 93 10.48 1.93 -8.36
C HIS A 93 11.36 3.09 -7.96
N ARG A 94 12.64 2.99 -8.28
CA ARG A 94 13.56 4.01 -7.79
C ARG A 94 13.40 5.22 -8.71
N GLN A 95 13.45 6.43 -8.12
CA GLN A 95 13.15 7.70 -8.84
C GLN A 95 14.10 8.81 -8.40
N SER A 96 14.57 9.63 -9.35
CA SER A 96 15.49 10.76 -9.02
C SER A 96 14.79 12.10 -9.22
N THR A 97 13.56 12.03 -9.74
CA THR A 97 12.80 13.20 -10.15
C THR A 97 11.83 13.62 -9.05
N ASN A 98 10.96 14.58 -9.33
CA ASN A 98 9.96 14.94 -8.36
C ASN A 98 8.68 14.11 -8.64
N ALA A 99 8.83 12.90 -9.23
CA ALA A 99 7.65 12.06 -9.54
C ALA A 99 7.01 11.61 -8.22
N THR A 100 5.68 11.43 -8.21
CA THR A 100 5.07 10.98 -6.97
C THR A 100 5.65 9.64 -6.52
N GLU A 101 5.95 9.51 -5.23
CA GLU A 101 6.42 8.25 -4.63
C GLU A 101 5.40 7.12 -4.72
N THR A 102 5.89 5.90 -4.83
CA THR A 102 5.02 4.76 -4.97
C THR A 102 4.76 4.04 -3.62
N THR A 103 3.79 3.13 -3.62
CA THR A 103 3.60 2.19 -2.51
C THR A 103 3.15 0.85 -3.10
N VAL A 104 3.05 -0.17 -2.26
CA VAL A 104 2.33 -1.38 -2.68
C VAL A 104 0.89 -1.11 -3.10
N PHE A 105 0.35 -2.00 -3.92
CA PHE A 105 -1.08 -2.06 -4.17
C PHE A 105 -1.97 -2.31 -2.96
N GLY A 106 -1.49 -3.19 -2.08
CA GLY A 106 -2.38 -3.85 -1.11
C GLY A 106 -3.16 -5.00 -1.79
N PRO A 107 -4.02 -5.69 -1.02
CA PRO A 107 -4.70 -6.83 -1.62
C PRO A 107 -6.07 -6.45 -2.19
N PHE A 108 -6.44 -5.16 -2.11
CA PHE A 108 -7.82 -4.78 -2.27
C PHE A 108 -8.32 -4.16 -3.60
N PHE A 109 -7.46 -4.10 -4.60
CA PHE A 109 -7.89 -3.55 -5.87
C PHE A 109 -8.91 -4.49 -6.56
N ILE A 110 -9.97 -3.94 -7.14
CA ILE A 110 -10.87 -4.76 -7.95
C ILE A 110 -10.99 -4.17 -9.35
N GLU A 111 -10.79 -5.03 -10.36
CA GLU A 111 -11.18 -4.77 -11.77
C GLU A 111 -12.66 -4.45 -12.08
N GLY A 112 -12.81 -3.69 -13.16
CA GLY A 112 -14.10 -3.42 -13.75
C GLY A 112 -15.01 -2.52 -12.96
N MET A 113 -14.44 -1.54 -12.23
CA MET A 113 -15.27 -0.58 -11.50
C MET A 113 -15.78 0.53 -12.43
N PRO A 114 -16.83 1.24 -12.03
CA PRO A 114 -17.45 2.26 -12.92
C PRO A 114 -16.50 3.40 -13.33
N ASP A 115 -16.57 3.78 -14.62
CA ASP A 115 -15.86 5.00 -15.10
C ASP A 115 -16.69 6.20 -14.56
N ARG A 116 -16.12 7.04 -13.72
CA ARG A 116 -16.93 8.10 -13.11
C ARG A 116 -16.59 9.45 -13.67
N GLY A 117 -17.59 10.34 -13.74
CA GLY A 117 -17.43 11.71 -14.26
C GLY A 117 -16.65 12.63 -13.31
N TYR A 118 -16.24 13.77 -13.82
CA TYR A 118 -15.50 14.76 -13.00
C TYR A 118 -16.33 15.20 -11.78
N GLY A 119 -15.82 14.97 -10.56
CA GLY A 119 -16.61 15.33 -9.38
C GLY A 119 -17.73 14.37 -9.00
N GLU A 120 -17.83 13.24 -9.71
CA GLU A 120 -18.82 12.25 -9.36
C GLU A 120 -18.61 11.70 -7.93
N ASN A 121 -19.69 11.49 -7.20
CA ASN A 121 -19.60 10.87 -5.88
C ASN A 121 -19.45 9.34 -5.93
N MET A 122 -18.45 8.76 -5.25
CA MET A 122 -18.38 7.29 -5.20
C MET A 122 -18.83 6.67 -3.85
N ALA A 123 -19.21 7.54 -2.91
CA ALA A 123 -19.57 7.09 -1.56
C ALA A 123 -21.07 6.78 -1.59
N LEU A 124 -21.39 5.52 -1.63
CA LEU A 124 -22.79 5.14 -1.60
C LEU A 124 -23.22 4.91 -0.16
N THR A 125 -22.27 4.88 0.79
CA THR A 125 -22.58 4.68 2.23
C THR A 125 -22.38 5.95 3.07
N ASP A 126 -22.68 5.86 4.36
CA ASP A 126 -22.51 6.94 5.37
C ASP A 126 -21.06 7.37 5.55
N GLY A 127 -20.81 8.66 5.74
CA GLY A 127 -19.45 9.05 6.14
C GLY A 127 -19.43 10.54 6.12
N VAL A 128 -18.28 11.15 6.41
CA VAL A 128 -18.13 12.58 6.36
C VAL A 128 -17.76 12.96 4.87
N PRO A 129 -18.60 13.78 4.20
CA PRO A 129 -18.39 14.10 2.75
C PRO A 129 -17.03 14.77 2.51
N ALA A 130 -16.33 14.42 1.43
CA ALA A 130 -15.06 15.08 1.17
C ALA A 130 -14.93 15.28 -0.34
N LEU A 131 -14.26 16.32 -0.74
CA LEU A 131 -13.89 16.46 -2.17
C LEU A 131 -12.39 16.21 -2.24
N VAL A 132 -11.95 15.19 -3.01
CA VAL A 132 -10.51 14.97 -3.22
C VAL A 132 -10.26 15.43 -4.65
N TYR A 133 -9.42 16.43 -4.85
CA TYR A 133 -9.25 16.98 -6.19
C TYR A 133 -7.79 17.40 -6.41
N GLY A 134 -7.43 17.70 -7.66
CA GLY A 134 -6.03 18.08 -7.94
C GLY A 134 -5.73 17.92 -9.42
N ARG A 135 -4.48 17.63 -9.73
CA ARG A 135 -4.05 17.53 -11.11
C ARG A 135 -3.15 16.35 -11.27
N VAL A 136 -3.02 15.88 -12.51
CA VAL A 136 -1.98 14.93 -12.86
C VAL A 136 -1.03 15.69 -13.80
N LEU A 137 0.26 15.74 -13.44
CA LEU A 137 1.20 16.55 -14.17
C LEU A 137 2.38 15.67 -14.60
N ASP A 138 3.18 16.17 -15.55
CA ASP A 138 4.46 15.56 -15.84
C ASP A 138 5.50 16.23 -14.98
N VAL A 139 6.73 15.72 -15.10
CA VAL A 139 7.85 16.22 -14.32
C VAL A 139 8.18 17.70 -14.69
N GLN A 140 7.81 18.14 -15.89
CA GLN A 140 7.95 19.55 -16.24
C GLN A 140 6.77 20.37 -15.77
N GLY A 141 5.78 19.76 -15.13
CA GLY A 141 4.74 20.58 -14.51
C GLY A 141 3.61 20.88 -15.43
N ARG A 142 3.57 20.21 -16.57
CA ARG A 142 2.50 20.36 -17.53
C ARG A 142 1.42 19.28 -17.33
N PRO A 143 0.17 19.58 -17.70
CA PRO A 143 -0.93 18.69 -17.41
C PRO A 143 -0.85 17.43 -18.26
N VAL A 144 -1.21 16.29 -17.65
CA VAL A 144 -1.34 15.04 -18.39
C VAL A 144 -2.80 14.93 -18.60
N VAL A 145 -3.20 14.83 -19.86
CA VAL A 145 -4.58 14.90 -20.24
C VAL A 145 -5.14 13.52 -20.45
N GLY A 146 -6.30 13.21 -19.88
CA GLY A 146 -6.90 11.89 -20.08
C GLY A 146 -6.22 10.76 -19.28
N ALA A 147 -5.38 11.12 -18.32
CA ALA A 147 -4.95 10.09 -17.37
C ALA A 147 -6.15 9.42 -16.71
N VAL A 148 -6.03 8.14 -16.40
CA VAL A 148 -7.05 7.40 -15.75
C VAL A 148 -6.60 7.14 -14.27
N LEU A 149 -7.40 7.54 -13.28
CA LEU A 149 -7.10 7.39 -11.86
C LEU A 149 -8.08 6.37 -11.32
N ASP A 150 -7.60 5.14 -11.04
CA ASP A 150 -8.44 4.12 -10.38
C ASP A 150 -8.26 4.33 -8.92
N VAL A 151 -9.36 4.51 -8.20
CA VAL A 151 -9.25 4.83 -6.74
C VAL A 151 -10.11 3.89 -5.96
N TRP A 152 -9.70 3.60 -4.73
CA TRP A 152 -10.50 2.75 -3.84
C TRP A 152 -10.11 3.08 -2.36
N GLN A 153 -11.06 2.89 -1.46
CA GLN A 153 -10.87 3.18 -0.05
C GLN A 153 -11.86 2.34 0.77
N THR A 154 -11.58 2.19 2.07
CA THR A 154 -12.51 1.44 2.94
C THR A 154 -13.72 2.27 3.24
N ALA A 155 -14.80 1.60 3.65
CA ALA A 155 -15.96 2.31 4.19
C ALA A 155 -15.66 2.70 5.65
N ASP A 156 -16.60 3.40 6.31
CA ASP A 156 -16.58 3.59 7.79
C ASP A 156 -16.31 2.29 8.56
N ASN A 157 -16.99 1.19 8.23
CA ASN A 157 -16.65 -0.11 8.84
C ASN A 157 -15.19 -0.62 8.63
N GLY A 158 -14.32 0.15 8.00
CA GLY A 158 -12.95 -0.35 7.79
C GLY A 158 -12.91 -1.52 6.84
N MET A 159 -13.97 -1.71 6.03
CA MET A 159 -13.92 -2.73 4.97
C MET A 159 -14.01 -2.13 3.56
N TYR A 160 -13.28 -2.72 2.61
CA TYR A 160 -13.45 -2.41 1.18
C TYR A 160 -14.69 -3.16 0.64
N SER A 161 -15.44 -2.55 -0.27
CA SER A 161 -16.49 -3.29 -1.00
C SER A 161 -15.71 -4.23 -1.89
N GLY A 162 -16.25 -5.37 -2.29
CA GLY A 162 -16.97 -6.22 -1.45
C GLY A 162 -15.91 -7.26 -1.03
N GLN A 163 -14.75 -6.77 -0.54
CA GLN A 163 -14.03 -7.50 0.50
C GLN A 163 -15.18 -7.78 1.47
N ASP A 164 -15.95 -6.73 1.72
CA ASP A 164 -17.23 -6.72 2.40
C ASP A 164 -18.40 -6.87 1.37
N PRO A 165 -18.76 -8.13 1.00
CA PRO A 165 -19.74 -8.24 -0.10
C PRO A 165 -21.13 -7.66 0.25
N ASP A 166 -21.35 -7.24 1.50
CA ASP A 166 -22.61 -6.53 1.82
C ASP A 166 -22.75 -5.06 1.30
N GLN A 167 -21.64 -4.36 1.03
CA GLN A 167 -21.73 -2.98 0.46
C GLN A 167 -22.18 -3.02 -1.02
N PRO A 168 -22.83 -1.95 -1.49
CA PRO A 168 -23.24 -1.81 -2.92
C PRO A 168 -22.06 -1.99 -3.87
N PHE A 169 -22.31 -2.63 -5.02
CA PHE A 169 -21.35 -2.68 -6.12
C PHE A 169 -20.77 -1.28 -6.41
N GLY A 170 -19.45 -1.22 -6.50
CA GLY A 170 -18.72 0.02 -6.85
C GLY A 170 -18.59 1.03 -5.72
N ASN A 171 -19.08 0.70 -4.53
CA ASN A 171 -19.00 1.65 -3.46
C ASN A 171 -17.54 2.03 -3.20
N LEU A 172 -17.30 3.32 -3.09
CA LEU A 172 -15.96 3.86 -2.74
C LEU A 172 -14.91 3.27 -3.64
N ARG A 173 -15.31 2.95 -4.88
CA ARG A 173 -14.34 2.67 -5.95
C ARG A 173 -14.77 3.42 -7.21
N GLY A 174 -13.79 3.83 -8.00
CA GLY A 174 -14.12 4.44 -9.30
C GLY A 174 -12.91 4.63 -10.18
N ARG A 175 -13.17 4.82 -11.49
CA ARG A 175 -12.13 5.17 -12.44
C ARG A 175 -12.46 6.57 -12.92
N TYR A 176 -11.66 7.53 -12.49
CA TYR A 176 -11.81 8.95 -12.87
C TYR A 176 -10.76 9.37 -13.91
N ARG A 177 -10.92 10.58 -14.50
CA ARG A 177 -10.01 11.01 -15.55
C ARG A 177 -9.58 12.45 -15.36
N SER A 178 -8.36 12.76 -15.77
CA SER A 178 -7.89 14.11 -15.68
C SER A 178 -8.46 14.82 -16.94
N ASP A 179 -8.82 16.10 -16.82
CA ASP A 179 -9.41 16.81 -17.95
C ASP A 179 -8.35 17.47 -18.80
N ASN A 180 -8.74 18.31 -19.74
CA ASN A 180 -7.77 19.07 -20.59
C ASN A 180 -6.75 19.87 -19.82
N ASP A 181 -7.06 20.30 -18.60
CA ASP A 181 -6.01 21.00 -17.83
C ASP A 181 -5.38 20.05 -16.80
N GLY A 182 -5.57 18.75 -16.97
CA GLY A 182 -4.98 17.73 -16.07
C GLY A 182 -5.70 17.62 -14.70
N CYS A 183 -6.83 18.29 -14.56
CA CYS A 183 -7.58 18.37 -13.30
C CYS A 183 -8.44 17.13 -13.14
N PHE A 184 -8.50 16.67 -11.89
CA PHE A 184 -9.46 15.63 -11.54
C PHE A 184 -10.25 16.04 -10.26
N ALA A 185 -11.39 15.44 -10.05
CA ALA A 185 -12.16 15.68 -8.85
C ALA A 185 -13.04 14.47 -8.54
N ILE A 186 -12.99 14.11 -7.27
CA ILE A 186 -13.59 12.89 -6.75
C ILE A 186 -14.40 13.28 -5.51
N GLN A 187 -15.71 12.99 -5.49
CA GLN A 187 -16.45 13.17 -4.24
C GLN A 187 -16.50 11.81 -3.55
N THR A 188 -16.26 11.84 -2.24
CA THR A 188 -16.20 10.65 -1.45
C THR A 188 -16.51 10.95 0.02
N THR A 189 -16.15 10.01 0.88
CA THR A 189 -16.13 10.34 2.33
C THR A 189 -14.72 10.30 2.86
N VAL A 190 -14.47 11.00 3.99
CA VAL A 190 -13.15 11.05 4.53
C VAL A 190 -12.74 9.62 4.86
N PRO A 191 -11.60 9.17 4.34
CA PRO A 191 -11.17 7.78 4.66
C PRO A 191 -10.96 7.63 6.18
N VAL A 192 -11.23 6.44 6.72
CA VAL A 192 -10.96 6.14 8.14
C VAL A 192 -9.87 5.03 8.30
N CYS A 193 -9.10 5.12 9.40
CA CYS A 193 -8.09 4.08 9.74
C CYS A 193 -8.80 2.72 10.00
N TYR A 194 -8.10 1.62 9.79
CA TYR A 194 -8.71 0.31 9.99
C TYR A 194 -7.57 -0.66 10.34
N PRO A 195 -7.85 -1.77 11.09
CA PRO A 195 -6.77 -2.68 11.48
C PRO A 195 -6.60 -3.78 10.45
N ILE A 196 -5.38 -4.31 10.37
CA ILE A 196 -5.15 -5.47 9.52
C ILE A 196 -5.59 -6.75 10.27
N PRO A 197 -5.73 -7.88 9.56
CA PRO A 197 -6.19 -9.11 10.29
C PRO A 197 -5.22 -9.56 11.38
N THR A 198 -5.73 -9.84 12.56
CA THR A 198 -4.83 -10.25 13.62
C THR A 198 -5.22 -11.61 14.17
N ASP A 199 -6.05 -12.36 13.49
CA ASP A 199 -6.53 -13.64 14.02
C ASP A 199 -5.65 -14.79 13.57
N GLY A 200 -4.48 -14.48 13.02
CA GLY A 200 -3.56 -15.51 12.58
C GLY A 200 -2.22 -15.35 13.28
N PRO A 201 -1.20 -16.07 12.79
CA PRO A 201 0.17 -15.89 13.32
C PRO A 201 0.70 -14.47 13.28
N VAL A 202 0.40 -13.70 12.23
CA VAL A 202 0.91 -12.28 12.23
C VAL A 202 0.37 -11.55 13.49
N GLY A 203 -0.91 -11.77 13.81
CA GLY A 203 -1.47 -11.16 15.05
C GLY A 203 -0.70 -11.52 16.29
N GLU A 204 -0.20 -12.77 16.34
CA GLU A 204 0.60 -13.23 17.48
C GLU A 204 1.92 -12.55 17.57
N MET A 205 2.60 -12.44 16.42
CA MET A 205 3.84 -11.71 16.36
C MET A 205 3.65 -10.22 16.78
N LEU A 206 2.64 -9.54 16.22
CA LEU A 206 2.35 -8.16 16.62
C LEU A 206 2.04 -8.06 18.13
N ASP A 207 1.28 -9.01 18.67
CA ASP A 207 1.06 -9.00 20.11
C ASP A 207 2.33 -9.13 20.98
N ALA A 208 3.18 -10.09 20.64
CA ALA A 208 4.47 -10.25 21.27
C ALA A 208 5.34 -9.01 21.12
N ALA A 209 5.20 -8.29 19.99
CA ALA A 209 6.03 -7.10 19.77
C ALA A 209 5.52 -5.84 20.47
N ASN A 210 4.34 -5.96 21.01
CA ASN A 210 3.51 -4.81 21.55
C ASN A 210 3.27 -3.82 20.39
N ARG A 211 2.99 -4.36 19.19
CA ARG A 211 2.72 -3.50 18.02
C ARG A 211 1.24 -3.49 17.84
N HIS A 212 0.70 -2.36 17.46
CA HIS A 212 -0.70 -2.32 17.10
C HIS A 212 -0.92 -2.83 15.62
N ALA A 213 -2.16 -3.10 15.24
CA ALA A 213 -2.46 -3.59 13.91
C ALA A 213 -3.10 -2.54 13.00
N TRP A 214 -2.93 -1.24 13.28
CA TRP A 214 -3.67 -0.22 12.50
C TRP A 214 -2.92 0.28 11.28
N ARG A 215 -3.69 0.50 10.23
CA ARG A 215 -3.27 1.42 9.19
C ARG A 215 -3.85 2.83 9.33
N PRO A 216 -3.02 3.86 9.12
CA PRO A 216 -3.62 5.20 8.99
C PRO A 216 -4.58 5.29 7.81
N ALA A 217 -5.57 6.18 7.93
CA ALA A 217 -6.56 6.43 6.87
C ALA A 217 -5.90 6.79 5.53
N HIS A 218 -6.38 6.19 4.45
CA HIS A 218 -5.80 6.46 3.15
C HIS A 218 -6.75 6.26 2.01
N LEU A 219 -6.36 6.83 0.86
CA LEU A 219 -7.08 6.60 -0.39
C LEU A 219 -6.04 5.97 -1.35
N HIS A 220 -6.42 4.88 -2.03
CA HIS A 220 -5.51 4.15 -2.94
C HIS A 220 -5.66 4.76 -4.30
N PHE A 221 -4.54 5.02 -4.99
CA PHE A 221 -4.57 5.46 -6.42
C PHE A 221 -3.71 4.55 -7.32
N MET A 222 -4.26 4.19 -8.49
CA MET A 222 -3.45 3.70 -9.60
C MET A 222 -3.73 4.61 -10.78
N ILE A 223 -2.70 5.27 -11.28
CA ILE A 223 -2.85 6.27 -12.34
C ILE A 223 -2.08 5.79 -13.56
N GLN A 224 -2.74 5.83 -14.73
CA GLN A 224 -2.13 5.39 -15.98
C GLN A 224 -2.42 6.44 -17.04
N ALA A 225 -1.44 6.66 -17.93
CA ALA A 225 -1.63 7.46 -19.12
C ALA A 225 -0.61 7.07 -20.21
N PRO A 226 -1.03 7.18 -21.48
CA PRO A 226 -0.15 6.82 -22.64
C PRO A 226 1.10 7.65 -22.59
N GLY A 227 2.26 7.01 -22.64
CA GLY A 227 3.50 7.74 -22.60
C GLY A 227 4.11 7.77 -21.22
N TYR A 228 3.34 7.39 -20.18
CA TYR A 228 3.84 7.52 -18.81
C TYR A 228 3.86 6.17 -18.09
N ARG A 229 4.74 6.05 -17.12
CA ARG A 229 4.84 4.88 -16.33
C ARG A 229 3.64 4.80 -15.36
N LYS A 230 3.05 3.61 -15.21
CA LYS A 230 1.99 3.40 -14.21
C LYS A 230 2.43 3.81 -12.77
N LEU A 231 1.53 4.48 -12.04
CA LEU A 231 1.80 4.91 -10.68
C LEU A 231 0.78 4.22 -9.79
N VAL A 232 1.23 3.52 -8.76
CA VAL A 232 0.36 2.94 -7.74
C VAL A 232 0.85 3.54 -6.43
N THR A 233 -0.03 4.21 -5.68
CA THR A 233 0.44 4.89 -4.45
C THR A 233 -0.75 4.98 -3.50
N HIS A 234 -0.59 5.65 -2.36
CA HIS A 234 -1.69 5.89 -1.36
C HIS A 234 -1.58 7.40 -1.07
N LEU A 235 -2.69 8.08 -0.76
CA LEU A 235 -2.66 9.46 -0.14
C LEU A 235 -3.16 9.25 1.28
N PHE A 236 -2.36 9.64 2.25
CA PHE A 236 -2.72 9.36 3.65
C PHE A 236 -3.23 10.64 4.28
N ASN A 237 -4.29 10.55 5.13
CA ASN A 237 -4.79 11.75 5.85
C ASN A 237 -3.70 12.31 6.77
N SER A 238 -3.40 13.58 6.60
CA SER A 238 -2.38 14.29 7.42
C SER A 238 -2.59 14.19 8.93
N ASP A 239 -3.81 14.03 9.34
CA ASP A 239 -3.94 14.16 10.76
C ASP A 239 -3.98 12.87 11.55
N ASP A 240 -3.62 11.76 10.90
CA ASP A 240 -4.12 10.45 11.37
C ASP A 240 -3.27 10.07 12.57
N PRO A 241 -3.89 9.49 13.60
CA PRO A 241 -3.01 9.22 14.74
C PRO A 241 -1.99 8.08 14.53
N TYR A 242 -2.03 7.40 13.39
CA TYR A 242 -1.19 6.21 13.13
C TYR A 242 -0.18 6.43 12.02
N LEU A 243 -0.10 7.67 11.54
CA LEU A 243 0.78 8.08 10.45
C LEU A 243 2.22 7.70 10.67
N ASP A 244 2.67 7.75 11.92
CA ASP A 244 4.07 7.48 12.26
C ASP A 244 4.24 6.03 12.66
N SER A 245 3.16 5.24 12.66
CA SER A 245 3.26 3.91 13.19
C SER A 245 2.44 2.90 12.31
N ASP A 246 2.36 3.18 10.99
CA ASP A 246 1.67 2.32 10.04
C ASP A 246 2.17 0.91 10.22
N ALA A 247 1.25 -0.01 10.49
CA ALA A 247 1.60 -1.41 10.71
C ALA A 247 2.36 -2.07 9.53
N VAL A 248 2.22 -1.50 8.34
CA VAL A 248 2.89 -2.11 7.18
C VAL A 248 3.81 -1.11 6.51
N PHE A 249 4.11 -0.04 7.25
CA PHE A 249 5.10 0.95 6.88
C PHE A 249 4.87 1.55 5.48
N GLY A 250 3.61 1.79 5.11
CA GLY A 250 3.23 2.38 3.82
C GLY A 250 3.47 3.90 3.68
N VAL A 251 3.52 4.61 4.80
CA VAL A 251 3.43 6.06 4.80
C VAL A 251 4.78 6.59 4.39
N LYS A 252 4.76 7.56 3.48
CA LYS A 252 5.91 8.42 3.20
C LYS A 252 5.49 9.89 3.37
N GLY A 253 6.41 10.75 3.83
CA GLY A 253 6.15 12.18 4.02
C GLY A 253 5.38 12.87 2.88
N SER A 254 5.78 12.69 1.62
CA SER A 254 5.17 13.36 0.51
C SER A 254 3.74 12.85 0.13
N LEU A 255 3.31 11.71 0.68
CA LEU A 255 1.98 11.11 0.33
C LEU A 255 0.88 11.50 1.33
N GLN A 256 1.19 12.45 2.22
CA GLN A 256 0.25 12.89 3.20
C GLN A 256 -0.49 14.07 2.58
N VAL A 257 -1.76 14.17 2.86
CA VAL A 257 -2.49 15.30 2.32
C VAL A 257 -3.49 15.73 3.42
N LYS A 258 -3.63 17.03 3.61
CA LYS A 258 -4.55 17.59 4.57
C LYS A 258 -6.03 17.64 4.10
N TYR A 259 -6.93 17.07 4.87
CA TYR A 259 -8.34 17.23 4.60
C TYR A 259 -8.84 18.54 5.31
N GLU A 260 -8.84 19.67 4.60
CA GLU A 260 -9.16 21.00 5.20
C GLU A 260 -10.63 21.18 5.32
N ASP A 261 -11.08 21.95 6.29
CA ASP A 261 -12.51 22.25 6.43
C ASP A 261 -12.80 23.44 5.55
N ARG A 262 -13.73 23.31 4.62
CA ARG A 262 -13.99 24.42 3.70
C ARG A 262 -15.41 24.92 3.85
N PRO A 263 -15.66 26.20 3.45
CA PRO A 263 -17.00 26.85 3.53
C PRO A 263 -17.86 26.31 2.44
N ALA A 264 -19.18 26.33 2.65
CA ALA A 264 -20.10 26.08 1.53
C ALA A 264 -19.79 27.06 0.42
N HIS A 265 -19.88 26.58 -0.83
CA HIS A 265 -19.71 27.38 -2.03
C HIS A 265 -18.28 27.92 -2.18
N ASP A 266 -17.30 27.21 -1.60
CA ASP A 266 -15.90 27.66 -1.72
C ASP A 266 -15.60 27.82 -3.21
N GLU A 267 -14.89 28.88 -3.60
CA GLU A 267 -14.55 29.11 -5.01
C GLU A 267 -13.42 28.24 -5.49
N ASP A 268 -12.62 27.73 -4.54
CA ASP A 268 -11.50 26.84 -4.89
C ASP A 268 -12.01 25.40 -4.63
N ALA A 269 -12.84 24.94 -5.55
CA ALA A 269 -13.38 23.59 -5.54
C ALA A 269 -13.34 22.96 -6.94
N GLY A 270 -12.29 23.26 -7.69
CA GLY A 270 -12.06 22.71 -9.02
C GLY A 270 -13.26 22.95 -9.94
N GLY A 271 -13.99 24.06 -9.72
CA GLY A 271 -15.17 24.38 -10.56
C GLY A 271 -16.47 23.75 -10.05
N LEU A 272 -16.39 22.98 -8.98
CA LEU A 272 -17.61 22.47 -8.40
C LEU A 272 -18.17 23.54 -7.46
N ASP A 273 -19.44 23.43 -7.20
CA ASP A 273 -20.07 24.33 -6.28
C ASP A 273 -20.59 23.46 -5.17
N MET A 274 -19.92 23.47 -4.02
CA MET A 274 -20.31 22.55 -2.97
C MET A 274 -21.42 23.17 -2.11
N PRO A 275 -22.51 22.44 -1.95
CA PRO A 275 -23.71 23.01 -1.30
C PRO A 275 -23.57 23.24 0.20
N TYR A 276 -22.78 22.40 0.90
CA TYR A 276 -22.54 22.58 2.33
C TYR A 276 -21.06 22.66 2.67
N PRO A 277 -20.74 23.09 3.90
CA PRO A 277 -19.36 23.10 4.38
C PRO A 277 -18.86 21.66 4.31
N TYR A 278 -17.58 21.46 3.99
CA TYR A 278 -17.16 20.10 3.58
C TYR A 278 -15.69 19.93 3.81
N LYS A 279 -15.24 18.68 3.74
CA LYS A 279 -13.79 18.44 3.84
C LYS A 279 -13.13 18.33 2.44
N SER A 280 -11.91 18.86 2.27
CA SER A 280 -11.31 18.91 0.94
C SER A 280 -9.85 18.59 1.02
N ALA A 281 -9.39 17.73 0.13
CA ALA A 281 -7.96 17.37 0.04
C ALA A 281 -7.49 17.58 -1.43
N TYR A 282 -6.40 18.32 -1.57
CA TYR A 282 -5.92 18.76 -2.87
C TYR A 282 -4.59 18.10 -3.12
N TYR A 283 -4.42 17.45 -4.26
CA TYR A 283 -3.14 16.81 -4.50
C TYR A 283 -2.67 16.87 -5.95
N GLU A 284 -1.39 17.22 -6.16
CA GLU A 284 -0.88 17.14 -7.56
C GLU A 284 0.06 15.92 -7.78
N PHE A 285 -0.43 14.98 -8.58
CA PHE A 285 0.37 13.82 -8.92
C PHE A 285 1.34 14.16 -10.06
N VAL A 286 2.54 13.61 -9.98
CA VAL A 286 3.58 13.82 -10.96
C VAL A 286 3.98 12.42 -11.49
N MET A 287 3.80 12.21 -12.80
CA MET A 287 4.02 10.97 -13.49
C MET A 287 5.33 11.01 -14.27
N GLU A 288 5.93 9.84 -14.42
CA GLU A 288 7.21 9.73 -15.15
C GLU A 288 6.96 9.30 -16.59
N ALA A 289 7.64 9.96 -17.51
CA ALA A 289 7.60 9.57 -18.91
C ALA A 289 8.07 8.12 -19.13
N GLU A 290 7.64 7.50 -20.23
CA GLU A 290 8.17 6.16 -20.56
C GLU A 290 8.93 6.18 -21.89
#